data_9PLN
#
_entry.id   9PLN
#
_cell.length_a   1.00
_cell.length_b   1.00
_cell.length_c   1.00
_cell.angle_alpha   90.00
_cell.angle_beta   90.00
_cell.angle_gamma   90.00
#
_symmetry.space_group_name_H-M   'P 1'
#
loop_
_entity.id
_entity.type
_entity.pdbx_description
1 polymer 'Alpha-2A adrenergic receptor'
2 non-polymer N-(5-methylnaphthalen-1-yl)pyridin-4-amine
#
_entity_poly.entity_id   1
_entity_poly.type   'polypeptide(L)'
_entity_poly.pdbx_seq_one_letter_code
;MKTIIALSYIFCLVFADYKDDDDASIDFRQEQPLAEGSFAPMGSLQPDAGNASWNGTEAPGGGARATPYSLQVTLTLVCL
AGLLMLLTVFGNVLVIIAVFTSRALKAPQNLFLVSLASADILVATLVIPFSLANEVMGYWYFGKAWCEIYLALDVLFCTS
SIVHLCAISLDRYWSITQAIEYNLKRTPRRIKAIIITVWVISAVISFPPLISIEKKGGGGGPQPAEPRCEINDQKWYVIS
SCIGSFFAPCLIMILVYVRIYQIAKRRTRVPPSRRGPDAVAAPPGGTERRPNGLGPERSAGPGGAEAEPLPTQLNGAPGE
PAPAGPRDTDALDLEESSSSDHAERPPGPRRPERGPRGKGKARASQVKPGDSLPRRGPGATGIGTPAAGPGEERVGAAKA
SRWRGRQNREKRFTFVLAVVIGVFVVCWFPFFFTYTLTAVGCSVPRTLFKFFFWFGYCNSSLNPVIYTIFNHDFRRAFKK
ILCRGDRKRIV
;
_entity_poly.pdbx_strand_id   R
#
# COMPACT_ATOMS: atom_id res chain seq x y z
N TYR A 69 -28.69 -2.00 -12.01
CA TYR A 69 -27.30 -2.52 -12.19
C TYR A 69 -27.37 -3.81 -13.01
N SER A 70 -26.21 -4.45 -13.23
CA SER A 70 -26.16 -5.69 -14.07
C SER A 70 -26.90 -6.84 -13.36
N LEU A 71 -27.33 -7.85 -14.12
CA LEU A 71 -28.11 -8.97 -13.52
C LEU A 71 -27.23 -10.23 -13.48
N GLN A 72 -26.39 -10.43 -14.50
CA GLN A 72 -25.48 -11.60 -14.53
C GLN A 72 -24.04 -11.09 -14.43
N VAL A 73 -23.79 -9.89 -14.97
CA VAL A 73 -22.44 -9.29 -14.88
C VAL A 73 -22.15 -9.00 -13.40
N THR A 74 -23.20 -8.72 -12.62
CA THR A 74 -23.01 -8.50 -11.17
C THR A 74 -22.37 -9.73 -10.58
N LEU A 75 -22.79 -10.91 -11.03
CA LEU A 75 -22.19 -12.18 -10.55
C LEU A 75 -20.70 -12.17 -10.94
N THR A 76 -20.40 -11.75 -12.17
CA THR A 76 -18.98 -11.70 -12.62
C THR A 76 -18.22 -10.74 -11.74
N LEU A 77 -18.79 -9.55 -11.48
CA LEU A 77 -18.09 -8.54 -10.66
C LEU A 77 -17.90 -9.09 -9.24
N VAL A 78 -18.99 -9.56 -8.62
CA VAL A 78 -18.89 -10.02 -7.19
C VAL A 78 -17.89 -11.18 -7.19
N CYS A 79 -18.06 -12.12 -8.11
CA CYS A 79 -17.04 -13.20 -8.21
C CYS A 79 -15.64 -12.57 -8.28
N LEU A 80 -15.41 -11.67 -9.23
CA LEU A 80 -14.02 -11.15 -9.35
C LEU A 80 -13.48 -10.52 -8.04
N ALA A 81 -14.30 -9.72 -7.35
CA ALA A 81 -13.82 -9.00 -6.14
C ALA A 81 -13.61 -9.96 -4.98
N GLY A 82 -14.43 -11.01 -4.91
CA GLY A 82 -14.19 -12.01 -3.88
C GLY A 82 -12.83 -12.62 -4.16
N LEU A 83 -12.58 -12.93 -5.42
CA LEU A 83 -11.22 -13.42 -5.77
C LEU A 83 -10.18 -12.45 -5.18
N LEU A 84 -10.33 -11.16 -5.50
CA LEU A 84 -9.35 -10.15 -4.98
C LEU A 84 -9.17 -10.31 -3.47
N MET A 85 -10.26 -10.18 -2.70
CA MET A 85 -10.19 -10.26 -1.22
C MET A 85 -9.40 -11.52 -0.82
N LEU A 86 -9.80 -12.66 -1.35
CA LEU A 86 -9.10 -13.93 -1.04
C LEU A 86 -7.60 -13.74 -1.23
N LEU A 87 -7.17 -13.48 -2.47
CA LEU A 87 -5.72 -13.36 -2.73
C LEU A 87 -5.08 -12.46 -1.67
N THR A 88 -5.65 -11.26 -1.46
CA THR A 88 -5.07 -10.30 -0.49
C THR A 88 -4.87 -10.96 0.85
N VAL A 89 -5.95 -11.34 1.51
CA VAL A 89 -5.82 -11.90 2.88
C VAL A 89 -4.77 -13.02 2.84
N PHE A 90 -4.89 -13.95 1.90
CA PHE A 90 -3.94 -15.08 1.82
C PHE A 90 -2.52 -14.56 1.90
N GLY A 91 -2.09 -13.80 0.89
CA GLY A 91 -0.68 -13.33 0.86
C GLY A 91 -0.29 -12.61 2.13
N ASN A 92 -1.14 -11.68 2.59
CA ASN A 92 -0.71 -10.86 3.77
C ASN A 92 -0.51 -11.77 4.99
N VAL A 93 -1.40 -12.74 5.20
CA VAL A 93 -1.29 -13.58 6.42
C VAL A 93 -0.09 -14.50 6.25
N LEU A 94 0.14 -14.94 5.01
CA LEU A 94 1.34 -15.76 4.72
C LEU A 94 2.54 -14.97 5.22
N VAL A 95 2.62 -13.69 4.84
CA VAL A 95 3.75 -12.83 5.30
C VAL A 95 3.76 -12.80 6.83
N ILE A 96 2.67 -12.37 7.46
CA ILE A 96 2.65 -12.23 8.95
C ILE A 96 3.18 -13.51 9.60
N ILE A 97 2.92 -14.67 8.99
CA ILE A 97 3.35 -15.96 9.60
C ILE A 97 4.85 -16.12 9.34
N ALA A 98 5.20 -16.25 8.07
CA ALA A 98 6.63 -16.35 7.71
C ALA A 98 7.39 -15.38 8.59
N VAL A 99 6.97 -14.10 8.57
CA VAL A 99 7.80 -13.21 9.36
C VAL A 99 7.83 -13.64 10.82
N PHE A 100 6.68 -14.08 11.36
CA PHE A 100 6.63 -14.45 12.76
C PHE A 100 7.21 -15.84 13.02
N THR A 101 7.32 -16.67 11.99
CA THR A 101 7.83 -18.03 12.19
C THR A 101 9.27 -18.21 11.72
N SER A 102 9.85 -17.24 11.04
CA SER A 102 11.20 -17.36 10.51
C SER A 102 12.19 -16.69 11.46
N ARG A 103 13.15 -17.47 11.96
CA ARG A 103 14.16 -16.92 12.85
C ARG A 103 15.02 -15.88 12.14
N ALA A 104 15.41 -16.17 10.90
CA ALA A 104 16.23 -15.22 10.15
C ALA A 104 15.50 -13.92 9.89
N LEU A 105 14.18 -13.89 10.02
CA LEU A 105 13.39 -12.69 9.84
C LEU A 105 13.19 -11.90 11.13
N LYS A 106 13.86 -12.31 12.21
CA LYS A 106 13.76 -11.58 13.47
C LYS A 106 14.60 -10.31 13.43
N ALA A 107 14.19 -9.34 12.62
CA ALA A 107 14.84 -8.06 12.54
C ALA A 107 13.84 -6.94 12.78
N PRO A 108 14.26 -5.84 13.39
CA PRO A 108 13.32 -4.77 13.71
C PRO A 108 12.62 -4.18 12.51
N GLN A 109 13.23 -4.23 11.32
CA GLN A 109 12.63 -3.62 10.15
C GLN A 109 11.40 -4.36 9.66
N ASN A 110 11.27 -5.65 9.95
CA ASN A 110 10.12 -6.42 9.48
C ASN A 110 8.84 -6.10 10.24
N LEU A 111 8.93 -5.34 11.34
CA LEU A 111 7.71 -4.89 11.99
C LEU A 111 6.90 -3.99 11.07
N PHE A 112 7.58 -3.22 10.21
CA PHE A 112 6.87 -2.42 9.22
C PHE A 112 6.08 -3.31 8.28
N LEU A 113 6.70 -4.40 7.81
CA LEU A 113 5.99 -5.34 6.94
C LEU A 113 4.81 -5.97 7.65
N VAL A 114 4.99 -6.33 8.93
CA VAL A 114 3.90 -6.94 9.69
C VAL A 114 2.74 -5.97 9.81
N SER A 115 3.03 -4.71 10.13
CA SER A 115 1.96 -3.71 10.26
C SER A 115 1.27 -3.47 8.93
N LEU A 116 2.04 -3.40 7.84
CA LEU A 116 1.43 -3.21 6.53
C LEU A 116 0.53 -4.37 6.18
N ALA A 117 0.97 -5.60 6.45
CA ALA A 117 0.15 -6.76 6.16
C ALA A 117 -1.13 -6.74 6.99
N SER A 118 -1.02 -6.39 8.27
CA SER A 118 -2.22 -6.34 9.11
C SER A 118 -3.20 -5.29 8.61
N ALA A 119 -2.70 -4.10 8.27
CA ALA A 119 -3.58 -3.06 7.75
C ALA A 119 -4.26 -3.49 6.47
N ASP A 120 -3.50 -4.13 5.57
CA ASP A 120 -4.08 -4.58 4.31
C ASP A 120 -5.12 -5.66 4.54
N ILE A 121 -4.86 -6.57 5.48
CA ILE A 121 -5.86 -7.60 5.80
C ILE A 121 -7.13 -6.94 6.31
N LEU A 122 -7.01 -5.98 7.23
CA LEU A 122 -8.19 -5.31 7.74
C LEU A 122 -8.97 -4.65 6.62
N VAL A 123 -8.28 -3.89 5.77
CA VAL A 123 -8.97 -3.19 4.69
C VAL A 123 -9.68 -4.20 3.78
N ALA A 124 -8.95 -5.20 3.31
CA ALA A 124 -9.55 -6.15 2.38
C ALA A 124 -10.73 -6.87 3.02
N THR A 125 -10.60 -7.28 4.28
CA THR A 125 -11.66 -8.06 4.90
C THR A 125 -12.91 -7.23 5.15
N LEU A 126 -12.78 -5.96 5.54
CA LEU A 126 -13.98 -5.26 5.98
C LEU A 126 -14.44 -4.19 5.00
N VAL A 127 -13.53 -3.35 4.51
CA VAL A 127 -13.96 -2.23 3.68
C VAL A 127 -14.47 -2.71 2.33
N ILE A 128 -13.84 -3.76 1.78
CA ILE A 128 -14.20 -4.20 0.42
C ILE A 128 -15.66 -4.61 0.33
N PRO A 129 -16.21 -5.42 1.23
CA PRO A 129 -17.62 -5.83 1.08
C PRO A 129 -18.58 -4.65 1.02
N PHE A 130 -18.35 -3.63 1.83
CA PHE A 130 -19.25 -2.48 1.82
C PHE A 130 -19.17 -1.73 0.50
N SER A 131 -17.97 -1.69 -0.07
CA SER A 131 -17.78 -1.09 -1.42
C SER A 131 -18.15 -2.13 -2.48
N LEU A 132 -17.99 -3.42 -2.18
CA LEU A 132 -18.44 -4.46 -3.13
C LEU A 132 -19.97 -4.45 -3.10
N ALA A 133 -20.55 -4.34 -1.90
CA ALA A 133 -22.01 -4.24 -1.80
C ALA A 133 -22.44 -3.00 -2.56
N ASN A 134 -21.86 -1.85 -2.24
CA ASN A 134 -22.15 -0.65 -3.04
C ASN A 134 -21.69 -0.95 -4.47
N GLU A 135 -22.13 -0.15 -5.45
CA GLU A 135 -21.80 -0.48 -6.87
C GLU A 135 -22.61 -1.73 -7.26
N VAL A 136 -22.47 -2.82 -6.49
CA VAL A 136 -23.20 -4.05 -6.90
C VAL A 136 -24.67 -3.87 -6.53
N MET A 137 -24.96 -3.89 -5.24
CA MET A 137 -26.35 -3.61 -4.81
C MET A 137 -26.79 -2.38 -5.58
N GLY A 138 -25.94 -1.36 -5.65
CA GLY A 138 -26.25 -0.17 -6.45
C GLY A 138 -26.56 1.01 -5.56
N TYR A 139 -26.73 0.76 -4.25
CA TYR A 139 -27.08 1.84 -3.30
C TYR A 139 -26.65 1.42 -1.90
N TRP A 140 -26.59 2.36 -0.96
CA TRP A 140 -26.12 2.04 0.41
C TRP A 140 -27.28 1.49 1.23
N TYR A 141 -27.28 0.19 1.50
CA TYR A 141 -28.42 -0.43 2.23
C TYR A 141 -28.12 -0.44 3.72
N PHE A 142 -26.83 -0.49 4.07
CA PHE A 142 -26.44 -0.55 5.50
C PHE A 142 -26.87 0.74 6.18
N GLY A 143 -26.84 0.76 7.51
CA GLY A 143 -27.32 1.94 8.25
C GLY A 143 -26.66 3.22 7.76
N LYS A 144 -27.43 4.29 7.60
CA LYS A 144 -26.84 5.59 7.21
C LYS A 144 -25.87 6.00 8.33
N ALA A 145 -26.06 5.42 9.51
CA ALA A 145 -25.15 5.70 10.65
C ALA A 145 -23.77 5.17 10.32
N TRP A 146 -23.63 4.52 9.16
CA TRP A 146 -22.34 3.87 8.85
C TRP A 146 -21.60 4.56 7.71
N CYS A 147 -22.27 5.38 6.89
CA CYS A 147 -21.45 5.90 5.80
C CYS A 147 -20.34 6.81 6.32
N GLU A 148 -20.69 7.70 7.25
CA GLU A 148 -19.74 8.64 7.82
C GLU A 148 -18.58 7.96 8.53
N ILE A 149 -18.76 6.71 8.98
CA ILE A 149 -17.67 5.95 9.56
C ILE A 149 -17.03 4.99 8.58
N TYR A 150 -17.81 4.38 7.68
CA TYR A 150 -17.23 3.51 6.67
C TYR A 150 -16.22 4.26 5.81
N LEU A 151 -16.60 5.43 5.31
CA LEU A 151 -15.69 6.20 4.46
C LEU A 151 -14.42 6.57 5.21
N ALA A 152 -14.56 7.02 6.46
CA ALA A 152 -13.40 7.42 7.24
C ALA A 152 -12.48 6.24 7.49
N LEU A 153 -13.04 5.08 7.82
CA LEU A 153 -12.20 3.90 8.08
C LEU A 153 -11.49 3.46 6.80
N ASP A 154 -12.18 3.50 5.66
CA ASP A 154 -11.52 3.18 4.39
C ASP A 154 -10.35 4.11 4.14
N VAL A 155 -10.58 5.42 4.30
CA VAL A 155 -9.51 6.38 4.08
C VAL A 155 -8.35 6.10 5.02
N LEU A 156 -8.65 5.80 6.28
CA LEU A 156 -7.59 5.56 7.26
C LEU A 156 -6.77 4.34 6.89
N PHE A 157 -7.44 3.25 6.50
CA PHE A 157 -6.70 2.04 6.15
C PHE A 157 -5.80 2.26 4.94
N CYS A 158 -6.35 2.88 3.88
CA CYS A 158 -5.53 3.10 2.69
C CYS A 158 -4.35 4.03 2.97
N THR A 159 -4.60 5.12 3.70
CA THR A 159 -3.51 6.04 4.00
C THR A 159 -2.48 5.38 4.90
N SER A 160 -2.91 4.51 5.81
CA SER A 160 -1.97 3.80 6.65
C SER A 160 -1.09 2.88 5.84
N SER A 161 -1.67 2.18 4.86
CA SER A 161 -0.86 1.33 3.99
C SER A 161 0.17 2.16 3.23
N ILE A 162 -0.27 3.29 2.67
CA ILE A 162 0.65 4.13 1.90
C ILE A 162 1.77 4.65 2.79
N VAL A 163 1.42 5.10 4.00
CA VAL A 163 2.42 5.63 4.92
C VAL A 163 3.38 4.53 5.38
N HIS A 164 2.88 3.31 5.55
CA HIS A 164 3.77 2.20 5.88
C HIS A 164 4.78 1.96 4.76
N LEU A 165 4.31 2.01 3.51
CA LEU A 165 5.24 1.87 2.39
C LEU A 165 6.29 2.97 2.42
N CYS A 166 5.86 4.22 2.64
CA CYS A 166 6.80 5.33 2.67
C CYS A 166 7.81 5.19 3.80
N ALA A 167 7.34 4.75 4.98
CA ALA A 167 8.23 4.58 6.12
C ALA A 167 9.24 3.46 5.86
N ILE A 168 8.80 2.38 5.21
CA ILE A 168 9.73 1.31 4.87
C ILE A 168 10.79 1.82 3.91
N SER A 169 10.38 2.60 2.92
CA SER A 169 11.35 3.17 1.99
C SER A 169 12.34 4.08 2.70
N LEU A 170 11.84 4.92 3.62
CA LEU A 170 12.72 5.82 4.35
C LEU A 170 13.70 5.04 5.22
N ASP A 171 13.24 3.98 5.87
CA ASP A 171 14.14 3.15 6.66
C ASP A 171 15.20 2.51 5.79
N ARG A 172 14.82 2.03 4.60
CA ARG A 172 15.79 1.45 3.70
C ARG A 172 16.84 2.48 3.30
N TYR A 173 16.41 3.70 2.97
CA TYR A 173 17.33 4.74 2.58
C TYR A 173 18.29 5.08 3.71
N TRP A 174 17.76 5.24 4.92
CA TRP A 174 18.59 5.58 6.06
C TRP A 174 19.50 4.44 6.48
N SER A 175 19.14 3.20 6.13
CA SER A 175 20.02 2.07 6.37
C SER A 175 21.15 2.03 5.35
N ILE A 176 20.85 2.36 4.10
CA ILE A 176 21.88 2.37 3.06
C ILE A 176 22.87 3.52 3.25
N THR A 177 22.38 4.71 3.60
CA THR A 177 23.24 5.86 3.86
C THR A 177 23.24 6.16 5.35
N GLN A 178 24.38 6.58 5.86
CA GLN A 178 24.59 6.69 7.32
C GLN A 178 24.29 5.35 7.99
N ALA A 179 24.81 4.29 7.37
CA ALA A 179 24.47 2.93 7.81
C ALA A 179 24.87 2.67 9.25
N ILE A 180 26.09 3.09 9.63
CA ILE A 180 26.56 2.81 10.98
C ILE A 180 25.67 3.48 12.01
N GLU A 181 25.42 4.77 11.83
CA GLU A 181 24.61 5.51 12.80
C GLU A 181 23.20 4.93 12.87
N TYR A 182 22.58 4.67 11.72
CA TYR A 182 21.21 4.20 11.75
C TYR A 182 21.12 2.79 12.32
N ASN A 183 22.10 1.93 12.05
CA ASN A 183 22.13 0.62 12.68
C ASN A 183 22.26 0.76 14.19
N LEU A 184 23.09 1.70 14.65
CA LEU A 184 23.13 2.01 16.07
C LEU A 184 21.76 2.42 16.57
N LYS A 185 20.99 3.12 15.74
CA LYS A 185 19.65 3.58 16.08
C LYS A 185 18.55 2.76 15.41
N ARG A 186 18.78 1.46 15.19
CA ARG A 186 17.68 0.62 14.63
C ARG A 186 17.12 -0.25 15.75
N THR A 187 16.76 0.37 16.87
CA THR A 187 16.15 -0.37 17.97
C THR A 187 14.69 -0.71 17.68
N PRO A 188 14.24 -1.88 18.12
CA PRO A 188 12.82 -2.20 18.00
C PRO A 188 11.93 -1.18 18.68
N ARG A 189 12.41 -0.52 19.73
CA ARG A 189 11.64 0.57 20.32
C ARG A 189 11.38 1.67 19.30
N ARG A 190 12.42 2.05 18.54
CA ARG A 190 12.23 3.05 17.50
C ARG A 190 11.32 2.54 16.40
N ILE A 191 11.43 1.24 16.06
CA ILE A 191 10.56 0.67 15.04
C ILE A 191 9.10 0.80 15.46
N LYS A 192 8.80 0.42 16.71
CA LYS A 192 7.43 0.53 17.20
C LYS A 192 6.99 1.99 17.28
N ALA A 193 7.90 2.89 17.66
CA ALA A 193 7.55 4.30 17.71
C ALA A 193 7.15 4.80 16.33
N ILE A 194 7.90 4.40 15.30
CA ILE A 194 7.56 4.77 13.93
C ILE A 194 6.22 4.19 13.53
N ILE A 195 5.96 2.94 13.91
CA ILE A 195 4.69 2.31 13.57
C ILE A 195 3.52 3.09 14.18
N ILE A 196 3.65 3.43 15.47
CA ILE A 196 2.59 4.17 16.13
C ILE A 196 2.43 5.56 15.53
N THR A 197 3.53 6.20 15.15
CA THR A 197 3.42 7.51 14.53
C THR A 197 2.68 7.41 13.19
N VAL A 198 2.97 6.37 12.42
CA VAL A 198 2.27 6.17 11.15
C VAL A 198 0.78 5.98 11.39
N TRP A 199 0.44 5.12 12.35
CA TRP A 199 -0.98 4.86 12.62
C TRP A 199 -1.68 6.13 13.11
N VAL A 200 -1.01 6.91 13.96
CA VAL A 200 -1.64 8.12 14.49
C VAL A 200 -1.80 9.16 13.39
N ILE A 201 -0.83 9.30 12.49
CA ILE A 201 -1.01 10.24 11.40
C ILE A 201 -2.15 9.81 10.49
N SER A 202 -2.29 8.49 10.34
CA SER A 202 -3.37 7.91 9.49
C SER A 202 -4.73 8.18 10.12
N ALA A 203 -4.81 8.08 11.44
CA ALA A 203 -6.04 8.38 12.17
C ALA A 203 -6.36 9.86 12.13
N VAL A 204 -5.33 10.72 12.27
CA VAL A 204 -5.56 12.15 12.23
C VAL A 204 -6.07 12.58 10.86
N ILE A 205 -5.49 12.02 9.78
CA ILE A 205 -5.88 12.46 8.41
C ILE A 205 -7.23 11.84 8.03
N SER A 206 -7.70 10.87 8.79
CA SER A 206 -9.05 10.29 8.54
C SER A 206 -10.04 10.74 9.62
N PHE A 207 -9.56 11.44 10.65
CA PHE A 207 -10.49 11.97 11.69
C PHE A 207 -11.53 12.86 11.00
N PRO A 208 -11.16 13.88 10.20
CA PRO A 208 -12.15 14.69 9.44
C PRO A 208 -12.80 13.83 8.36
N PRO A 209 -14.15 13.83 8.28
CA PRO A 209 -14.89 13.04 7.25
C PRO A 209 -14.74 13.69 5.88
N PRO A 227 -30.85 6.31 0.89
CA PRO A 227 -30.52 5.02 0.23
C PRO A 227 -29.20 5.14 -0.49
N ARG A 228 -28.30 5.98 0.02
CA ARG A 228 -27.04 6.20 -0.73
C ARG A 228 -25.91 6.72 0.18
N CYS A 229 -24.68 6.63 -0.31
CA CYS A 229 -23.50 7.13 0.40
C CYS A 229 -22.43 7.49 -0.61
N GLU A 230 -21.93 8.72 -0.53
CA GLU A 230 -20.84 9.18 -1.38
C GLU A 230 -19.70 9.63 -0.50
N ILE A 231 -18.50 9.71 -1.10
CA ILE A 231 -17.31 10.19 -0.42
C ILE A 231 -17.43 11.70 -0.19
N ASN A 232 -16.58 12.25 0.66
CA ASN A 232 -16.61 13.67 0.95
C ASN A 232 -16.30 14.48 -0.31
N ASP A 233 -16.95 15.63 -0.42
CA ASP A 233 -16.81 16.48 -1.60
C ASP A 233 -16.27 17.87 -1.29
N GLN A 234 -15.99 18.19 -0.04
CA GLN A 234 -15.43 19.49 0.30
C GLN A 234 -14.13 19.72 -0.47
N LYS A 235 -14.06 20.80 -1.23
CA LYS A 235 -12.87 20.99 -2.10
C LYS A 235 -11.60 21.10 -1.23
N TRP A 236 -11.59 21.99 -0.24
CA TRP A 236 -10.35 22.20 0.52
C TRP A 236 -9.94 20.93 1.25
N TYR A 237 -10.89 20.26 1.90
CA TYR A 237 -10.55 19.06 2.64
C TYR A 237 -10.06 17.96 1.71
N VAL A 238 -10.75 17.76 0.58
CA VAL A 238 -10.34 16.71 -0.35
C VAL A 238 -8.95 16.99 -0.89
N ILE A 239 -8.69 18.24 -1.29
CA ILE A 239 -7.38 18.56 -1.86
C ILE A 239 -6.30 18.34 -0.82
N SER A 240 -6.50 18.83 0.40
CA SER A 240 -5.48 18.68 1.44
C SER A 240 -5.25 17.21 1.76
N SER A 241 -6.32 16.44 1.91
CA SER A 241 -6.18 15.03 2.27
C SER A 241 -5.46 14.26 1.17
N CYS A 242 -5.88 14.45 -0.09
CA CYS A 242 -5.20 13.77 -1.19
C CYS A 242 -3.74 14.13 -1.24
N ILE A 243 -3.42 15.44 -1.18
CA ILE A 243 -2.03 15.86 -1.20
C ILE A 243 -1.24 15.15 -0.10
N GLY A 244 -1.60 15.41 1.15
CA GLY A 244 -0.84 14.92 2.29
C GLY A 244 -0.88 13.43 2.48
N SER A 245 -1.78 12.71 1.81
CA SER A 245 -1.87 11.27 1.96
C SER A 245 -1.20 10.50 0.84
N PHE A 246 -1.12 11.06 -0.36
CA PHE A 246 -0.47 10.35 -1.45
C PHE A 246 0.73 11.08 -2.02
N PHE A 247 0.58 12.37 -2.34
CA PHE A 247 1.59 13.04 -3.13
C PHE A 247 2.91 13.15 -2.37
N ALA A 248 2.84 13.47 -1.07
CA ALA A 248 4.06 13.53 -0.28
C ALA A 248 4.75 12.18 -0.16
N PRO A 249 4.07 11.11 0.26
CA PRO A 249 4.75 9.80 0.30
C PRO A 249 5.26 9.34 -1.05
N CYS A 250 4.52 9.63 -2.12
CA CYS A 250 5.01 9.27 -3.46
C CYS A 250 6.32 9.98 -3.76
N LEU A 251 6.39 11.29 -3.49
CA LEU A 251 7.62 12.03 -3.73
C LEU A 251 8.76 11.50 -2.87
N ILE A 252 8.48 11.19 -1.61
CA ILE A 252 9.52 10.69 -0.71
C ILE A 252 10.05 9.36 -1.23
N MET A 253 9.16 8.44 -1.61
CA MET A 253 9.61 7.15 -2.13
C MET A 253 10.41 7.33 -3.40
N ILE A 254 9.94 8.20 -4.31
CA ILE A 254 10.65 8.41 -5.56
C ILE A 254 12.05 8.93 -5.28
N LEU A 255 12.18 9.92 -4.40
CA LEU A 255 13.49 10.48 -4.10
C LEU A 255 14.41 9.44 -3.47
N VAL A 256 13.91 8.72 -2.46
CA VAL A 256 14.76 7.77 -1.76
C VAL A 256 15.23 6.68 -2.69
N TYR A 257 14.33 6.16 -3.54
CA TYR A 257 14.72 5.07 -4.42
C TYR A 257 15.57 5.54 -5.58
N VAL A 258 15.39 6.79 -6.03
CA VAL A 258 16.32 7.35 -7.01
C VAL A 258 17.71 7.45 -6.42
N ARG A 259 17.80 7.93 -5.17
CA ARG A 259 19.10 8.00 -4.51
C ARG A 259 19.72 6.62 -4.35
N ILE A 260 18.91 5.63 -3.99
CA ILE A 260 19.42 4.27 -3.82
C ILE A 260 19.92 3.72 -5.16
N TYR A 261 19.17 3.98 -6.23
CA TYR A 261 19.60 3.56 -7.56
C TYR A 261 20.92 4.21 -7.94
N GLN A 262 21.05 5.51 -7.68
CA GLN A 262 22.30 6.20 -8.00
C GLN A 262 23.46 5.60 -7.20
N ILE A 263 23.23 5.32 -5.92
CA ILE A 263 24.28 4.72 -5.10
C ILE A 263 24.69 3.36 -5.65
N ALA A 264 23.70 2.52 -5.99
CA ALA A 264 24.02 1.21 -6.51
C ALA A 264 24.78 1.30 -7.83
N LYS A 265 24.35 2.19 -8.72
CA LYS A 265 25.06 2.36 -9.98
C LYS A 265 26.49 2.81 -9.75
N ARG A 266 26.69 3.78 -8.85
CA ARG A 266 28.04 4.26 -8.58
C ARG A 266 28.91 3.16 -7.99
N ARG A 267 28.33 2.31 -7.15
CA ARG A 267 29.05 1.19 -6.58
C ARG A 267 29.10 -0.02 -7.51
N THR A 268 28.41 0.03 -8.65
CA THR A 268 28.38 -1.13 -9.54
C THR A 268 29.76 -1.45 -10.09
N ARG A 269 30.51 -0.43 -10.51
CA ARG A 269 31.82 -0.64 -11.11
C ARG A 269 32.84 -1.01 -10.04
N ARG A 402 32.51 -12.72 -12.70
CA ARG A 402 32.93 -11.51 -11.95
C ARG A 402 32.24 -10.27 -12.54
N TRP A 403 32.83 -9.69 -13.59
CA TRP A 403 32.22 -8.49 -14.24
C TRP A 403 30.83 -8.87 -14.78
N ARG A 404 30.70 -10.07 -15.33
CA ARG A 404 29.38 -10.55 -15.81
C ARG A 404 28.41 -10.58 -14.64
N GLY A 405 28.85 -11.10 -13.48
CA GLY A 405 28.00 -11.10 -12.29
C GLY A 405 27.62 -9.69 -11.90
N ARG A 406 28.60 -8.77 -11.90
CA ARG A 406 28.33 -7.37 -11.52
C ARG A 406 27.32 -6.75 -12.50
N GLN A 407 27.51 -6.96 -13.80
CA GLN A 407 26.61 -6.36 -14.80
C GLN A 407 25.24 -7.07 -14.70
N ASN A 408 25.24 -8.34 -14.30
CA ASN A 408 23.97 -9.06 -14.11
C ASN A 408 23.31 -8.41 -12.91
N ARG A 409 24.11 -8.07 -11.90
CA ARG A 409 23.55 -7.48 -10.66
C ARG A 409 22.98 -6.10 -10.97
N GLU A 410 23.68 -5.31 -11.76
CA GLU A 410 23.10 -4.01 -12.16
C GLU A 410 21.71 -4.24 -12.73
N LYS A 411 21.60 -5.14 -13.72
CA LYS A 411 20.27 -5.34 -14.37
C LYS A 411 19.25 -5.76 -13.31
N ARG A 412 19.63 -6.69 -12.44
CA ARG A 412 18.71 -7.21 -11.41
C ARG A 412 18.21 -6.06 -10.52
N PHE A 413 19.09 -5.18 -10.06
CA PHE A 413 18.62 -4.13 -9.13
C PHE A 413 17.77 -3.15 -9.90
N THR A 414 18.19 -2.76 -11.08
CA THR A 414 17.30 -1.85 -11.79
C THR A 414 15.94 -2.44 -11.76
N PHE A 415 15.80 -3.72 -12.09
CA PHE A 415 14.45 -4.31 -12.14
C PHE A 415 13.78 -4.19 -10.80
N VAL A 416 14.34 -4.84 -9.77
CA VAL A 416 13.64 -4.87 -8.46
C VAL A 416 13.23 -3.45 -8.06
N LEU A 417 13.94 -2.44 -8.51
CA LEU A 417 13.51 -1.10 -8.05
C LEU A 417 12.44 -0.59 -9.01
N ALA A 418 12.63 -0.76 -10.30
CA ALA A 418 11.60 -0.17 -11.15
C ALA A 418 10.23 -0.76 -10.84
N VAL A 419 10.16 -2.07 -10.55
CA VAL A 419 8.89 -2.67 -10.21
C VAL A 419 8.30 -2.02 -8.95
N VAL A 420 9.14 -1.86 -7.93
CA VAL A 420 8.67 -1.24 -6.68
C VAL A 420 8.22 0.19 -6.94
N ILE A 421 9.01 0.95 -7.71
CA ILE A 421 8.64 2.33 -8.02
C ILE A 421 7.40 2.43 -8.89
N GLY A 422 7.11 1.41 -9.70
CA GLY A 422 6.08 1.53 -10.70
C GLY A 422 4.73 0.96 -10.32
N VAL A 423 4.71 -0.14 -9.57
CA VAL A 423 3.43 -0.72 -9.18
C VAL A 423 2.63 0.27 -8.35
N PHE A 424 3.26 0.86 -7.32
CA PHE A 424 2.57 1.79 -6.44
C PHE A 424 2.03 2.98 -7.24
N VAL A 425 2.86 3.56 -8.11
CA VAL A 425 2.42 4.72 -8.87
C VAL A 425 1.29 4.33 -9.81
N VAL A 426 1.46 3.29 -10.60
CA VAL A 426 0.45 2.89 -11.56
C VAL A 426 -0.87 2.54 -10.89
N CYS A 427 -0.84 2.10 -9.63
CA CYS A 427 -2.06 1.71 -8.94
C CYS A 427 -2.72 2.89 -8.23
N TRP A 428 -1.97 3.86 -7.71
CA TRP A 428 -2.61 4.92 -6.95
C TRP A 428 -2.70 6.23 -7.72
N PHE A 429 -1.67 6.62 -8.46
CA PHE A 429 -1.69 7.94 -9.11
C PHE A 429 -2.95 8.19 -9.93
N PRO A 430 -3.45 7.24 -10.71
CA PRO A 430 -4.67 7.55 -11.48
C PRO A 430 -5.84 7.97 -10.62
N PHE A 431 -6.10 7.23 -9.53
CA PHE A 431 -7.25 7.56 -8.70
C PHE A 431 -7.08 8.93 -8.05
N PHE A 432 -5.91 9.10 -7.43
CA PHE A 432 -5.65 10.36 -6.68
C PHE A 432 -5.56 11.49 -7.65
N PHE A 433 -4.96 11.26 -8.81
CA PHE A 433 -4.94 12.31 -9.84
C PHE A 433 -6.38 12.61 -10.21
N THR A 434 -7.08 11.56 -10.63
CA THR A 434 -8.47 11.75 -11.07
C THR A 434 -9.28 12.23 -9.90
N TYR A 435 -8.88 11.94 -8.68
CA TYR A 435 -9.69 12.32 -7.50
C TYR A 435 -9.62 13.80 -7.36
N THR A 436 -8.39 14.33 -7.38
CA THR A 436 -8.20 15.79 -7.29
C THR A 436 -8.84 16.45 -8.49
N LEU A 437 -8.68 15.85 -9.67
CA LEU A 437 -9.26 16.44 -10.90
C LEU A 437 -10.75 16.71 -10.63
N THR A 438 -11.44 15.74 -10.02
CA THR A 438 -12.87 15.94 -9.68
C THR A 438 -12.96 17.06 -8.67
N ALA A 439 -12.10 17.04 -7.64
CA ALA A 439 -12.17 18.05 -6.57
C ALA A 439 -11.86 19.45 -7.12
N VAL A 440 -10.78 19.57 -7.89
CA VAL A 440 -10.36 20.91 -8.42
C VAL A 440 -11.50 21.44 -9.32
N GLY A 441 -12.30 20.53 -9.89
CA GLY A 441 -13.45 20.96 -10.72
C GLY A 441 -13.40 20.37 -12.11
N CYS A 442 -12.22 19.88 -12.54
CA CYS A 442 -12.12 19.22 -13.86
C CYS A 442 -13.14 18.07 -13.92
N SER A 443 -13.08 17.15 -12.94
CA SER A 443 -14.07 16.05 -12.87
C SER A 443 -14.31 15.43 -14.24
N VAL A 444 -13.26 15.30 -15.07
CA VAL A 444 -13.42 14.63 -16.39
C VAL A 444 -13.66 13.13 -16.14
N PRO A 445 -13.11 12.56 -15.04
CA PRO A 445 -13.25 11.10 -14.81
C PRO A 445 -14.72 10.69 -14.86
N ARG A 446 -15.03 9.68 -15.67
CA ARG A 446 -16.42 9.16 -15.76
C ARG A 446 -16.37 7.63 -15.83
N THR A 447 -16.87 6.94 -14.80
CA THR A 447 -16.85 5.45 -14.76
C THR A 447 -15.42 4.97 -14.64
N LEU A 448 -14.50 5.53 -15.42
CA LEU A 448 -13.07 5.15 -15.33
C LEU A 448 -12.58 5.39 -13.90
N PHE A 449 -13.20 6.34 -13.21
CA PHE A 449 -12.84 6.60 -11.78
C PHE A 449 -13.06 5.32 -10.99
N LYS A 450 -14.18 4.64 -11.25
CA LYS A 450 -14.47 3.36 -10.55
C LYS A 450 -13.34 2.37 -10.87
N PHE A 451 -12.92 2.34 -12.14
CA PHE A 451 -11.79 1.46 -12.52
C PHE A 451 -10.55 1.93 -11.78
N PHE A 452 -10.28 3.25 -11.78
CA PHE A 452 -9.11 3.71 -11.02
C PHE A 452 -9.26 3.37 -9.54
N PHE A 453 -10.47 3.56 -9.00
CA PHE A 453 -10.76 3.18 -7.62
C PHE A 453 -10.42 1.71 -7.40
N TRP A 454 -10.87 0.84 -8.30
CA TRP A 454 -10.65 -0.60 -8.12
C TRP A 454 -9.18 -0.95 -8.31
N PHE A 455 -8.46 -0.19 -9.13
CA PHE A 455 -7.00 -0.45 -9.25
C PHE A 455 -6.33 -0.28 -7.89
N GLY A 456 -6.83 0.66 -7.08
CA GLY A 456 -6.19 0.95 -5.79
C GLY A 456 -6.30 -0.19 -4.80
N TYR A 457 -7.51 -0.70 -4.56
CA TYR A 457 -7.67 -1.88 -3.67
C TYR A 457 -6.83 -2.98 -4.27
N CYS A 458 -6.93 -3.14 -5.59
CA CYS A 458 -6.16 -4.19 -6.28
C CYS A 458 -4.68 -4.02 -5.92
N ASN A 459 -4.23 -2.79 -5.68
CA ASN A 459 -2.80 -2.63 -5.46
C ASN A 459 -2.38 -3.27 -4.14
N SER A 460 -3.25 -3.23 -3.13
CA SER A 460 -2.93 -3.79 -1.83
C SER A 460 -2.60 -5.28 -1.91
N SER A 461 -3.34 -6.04 -2.70
CA SER A 461 -3.08 -7.48 -2.79
C SER A 461 -1.66 -7.74 -3.30
N LEU A 462 -1.24 -6.99 -4.32
CA LEU A 462 0.11 -7.13 -4.86
C LEU A 462 1.17 -6.55 -3.95
N ASN A 463 0.80 -5.63 -3.07
CA ASN A 463 1.79 -4.95 -2.22
C ASN A 463 2.69 -5.91 -1.48
N PRO A 464 2.20 -6.92 -0.77
CA PRO A 464 3.13 -7.82 -0.07
C PRO A 464 4.07 -8.55 -1.01
N VAL A 465 3.62 -8.90 -2.22
CA VAL A 465 4.48 -9.62 -3.15
C VAL A 465 5.69 -8.78 -3.51
N ILE A 466 5.48 -7.50 -3.82
CA ILE A 466 6.58 -6.63 -4.22
C ILE A 466 7.62 -6.56 -3.12
N TYR A 467 7.17 -6.44 -1.88
CA TYR A 467 8.07 -6.18 -0.77
C TYR A 467 8.64 -7.44 -0.15
N THR A 468 8.15 -8.63 -0.53
CA THR A 468 8.67 -9.87 0.04
C THR A 468 9.34 -10.81 -0.96
N ILE A 469 8.95 -10.79 -2.24
CA ILE A 469 9.46 -11.80 -3.17
C ILE A 469 10.94 -11.61 -3.43
N PHE A 470 11.42 -10.36 -3.46
CA PHE A 470 12.80 -10.08 -3.84
C PHE A 470 13.77 -10.23 -2.67
N ASN A 471 13.35 -10.98 -1.65
CA ASN A 471 14.23 -11.24 -0.47
C ASN A 471 14.33 -12.76 -0.31
N HIS A 472 15.55 -13.31 -0.34
CA HIS A 472 15.71 -14.78 -0.30
C HIS A 472 15.14 -15.33 1.01
N ASP A 473 15.48 -14.69 2.13
CA ASP A 473 15.01 -15.19 3.45
C ASP A 473 13.48 -15.34 3.43
N PHE A 474 12.80 -14.46 2.70
CA PHE A 474 11.34 -14.54 2.60
C PHE A 474 10.93 -15.61 1.60
N ARG A 475 11.69 -15.70 0.51
CA ARG A 475 11.38 -16.71 -0.53
C ARG A 475 11.44 -18.09 0.10
N ARG A 476 12.55 -18.40 0.77
CA ARG A 476 12.72 -19.73 1.35
C ARG A 476 11.67 -19.99 2.42
N ALA A 477 11.33 -18.97 3.22
CA ALA A 477 10.28 -19.14 4.22
C ALA A 477 8.95 -19.49 3.57
N PHE A 478 8.61 -18.79 2.48
CA PHE A 478 7.37 -19.08 1.77
C PHE A 478 7.41 -20.48 1.17
N LYS A 479 8.55 -20.88 0.61
CA LYS A 479 8.67 -22.22 0.05
C LYS A 479 8.47 -23.28 1.13
N LYS A 480 9.08 -23.06 2.29
CA LYS A 480 8.92 -24.03 3.41
C LYS A 480 7.44 -24.08 3.80
N ILE A 481 6.79 -22.92 3.94
CA ILE A 481 5.39 -22.88 4.34
C ILE A 481 4.54 -23.65 3.34
N LEU A 482 4.75 -23.41 2.05
CA LEU A 482 3.96 -24.08 1.03
C LEU A 482 4.20 -25.59 1.04
N CYS A 483 5.46 -25.99 1.20
CA CYS A 483 5.82 -27.41 1.17
C CYS A 483 6.01 -27.94 2.59
#